data_4PYA
#
_entry.id   4PYA
#
_cell.length_a   89.933
_cell.length_b   89.933
_cell.length_c   62.446
_cell.angle_alpha   90.000
_cell.angle_beta   90.000
_cell.angle_gamma   120.000
#
_symmetry.space_group_name_H-M   'P 63 2 2'
#
loop_
_entity.id
_entity.type
_entity.pdbx_description
1 polymer 'Molybdenum cofactor biosynthesis protein MoaC'
2 non-polymer 1,2-ETHANEDIOL
3 non-polymer "(8S)-3',8-cyclo-7,8-dihydroguanosine 5'-triphosphate"
4 water water
#
_entity_poly.entity_id   1
_entity_poly.type   'polypeptide(L)'
_entity_poly.pdbx_seq_one_letter_code
;MAQLTHINAAGEAHMVDVSAKAETVREARAEAFVTMRSETLAMIIDGRHHAGDVFATARIAGIQAAKRTWDLIPLCHPLM
LSKVEVNLQAEPEHNRVRIETLCRLTGKTGVEMEALTAASVAALTIYDMCKAVQKDMVIGPVRLLAKSGGKSGDFKVEAD
D
;
_entity_poly.pdbx_strand_id   A
#
loop_
_chem_comp.id
_chem_comp.type
_chem_comp.name
_chem_comp.formula
2X3 non-polymer '(8S)-3',8-cyclo-7,8-dihydroguanosine 5'-triphosphate' 'C10 H16 N5 O14 P3'
EDO non-polymer 1,2-ETHANEDIOL 'C2 H6 O2'
#
# COMPACT_ATOMS: atom_id res chain seq x y z
N GLU A 23 16.14 23.07 -1.44
CA GLU A 23 15.74 21.95 -0.60
C GLU A 23 14.52 22.29 0.25
N THR A 24 13.43 21.56 0.05
CA THR A 24 12.20 21.83 0.76
C THR A 24 11.57 20.56 1.32
N VAL A 25 10.53 20.74 2.13
CA VAL A 25 9.71 19.61 2.53
C VAL A 25 8.84 19.15 1.37
N ARG A 26 8.99 17.89 0.97
CA ARG A 26 8.19 17.31 -0.10
C ARG A 26 7.35 16.15 0.40
N GLU A 27 6.13 16.06 -0.08
CA GLU A 27 5.29 14.96 0.29
C GLU A 27 4.40 14.48 -0.82
N ALA A 28 3.92 13.27 -0.66
CA ALA A 28 3.03 12.68 -1.62
C ALA A 28 2.10 11.69 -0.95
N ARG A 29 0.87 11.61 -1.42
CA ARG A 29 -0.09 10.62 -0.93
C ARG A 29 -0.66 9.85 -2.11
N ALA A 30 -0.88 8.56 -1.91
CA ALA A 30 -1.45 7.68 -2.92
C ALA A 30 -2.54 6.81 -2.30
N GLU A 31 -3.39 6.25 -3.16
CA GLU A 31 -4.35 5.26 -2.71
C GLU A 31 -4.31 4.07 -3.64
N ALA A 32 -4.68 2.91 -3.12
CA ALA A 32 -4.88 1.71 -3.92
C ALA A 32 -6.09 0.97 -3.35
N PHE A 33 -6.72 0.16 -4.18
CA PHE A 33 -7.84 -0.64 -3.75
C PHE A 33 -7.63 -2.08 -4.14
N VAL A 34 -8.08 -3.02 -3.31
CA VAL A 34 -8.14 -4.41 -3.73
C VAL A 34 -9.58 -4.86 -3.61
N THR A 35 -10.17 -5.29 -4.72
CA THR A 35 -11.58 -5.69 -4.74
C THR A 35 -11.67 -7.21 -4.65
N MET A 36 -12.62 -7.70 -3.89
CA MET A 36 -12.67 -9.12 -3.57
C MET A 36 -14.10 -9.45 -3.18
N ARG A 37 -14.40 -10.74 -2.99
CA ARG A 37 -15.72 -11.16 -2.53
C ARG A 37 -15.91 -10.85 -1.06
N SER A 38 -17.16 -10.87 -0.60
CA SER A 38 -17.45 -10.54 0.79
C SER A 38 -16.79 -11.50 1.79
N GLU A 39 -16.78 -12.78 1.46
CA GLU A 39 -16.17 -13.77 2.35
C GLU A 39 -14.69 -13.48 2.55
N THR A 40 -14.04 -13.12 1.46
CA THR A 40 -12.62 -12.85 1.48
C THR A 40 -12.33 -11.66 2.38
N LEU A 41 -13.11 -10.60 2.25
CA LEU A 41 -12.95 -9.44 3.09
C LEU A 41 -13.27 -9.76 4.54
N ALA A 42 -14.31 -10.55 4.77
CA ALA A 42 -14.69 -10.93 6.13
C ALA A 42 -13.56 -11.68 6.81
N MET A 43 -12.82 -12.48 6.04
CA MET A 43 -11.73 -13.26 6.62
C MET A 43 -10.60 -12.35 7.08
N ILE A 44 -10.37 -11.28 6.31
CA ILE A 44 -9.39 -10.27 6.68
C ILE A 44 -9.79 -9.58 7.98
N ILE A 45 -11.05 -9.16 8.04
CA ILE A 45 -11.55 -8.49 9.22
C ILE A 45 -11.48 -9.39 10.46
N ASP A 46 -11.81 -10.67 10.29
CA ASP A 46 -11.84 -11.62 11.40
C ASP A 46 -10.46 -12.09 11.88
N GLY A 47 -9.46 -11.97 11.01
CA GLY A 47 -8.11 -12.37 11.34
C GLY A 47 -7.26 -11.18 11.77
N ARG A 48 -7.89 -10.02 11.85
CA ARG A 48 -7.21 -8.80 12.27
C ARG A 48 -6.82 -8.91 13.74
N HIS A 49 -5.71 -8.27 14.10
CA HIS A 49 -5.17 -8.26 15.46
C HIS A 49 -4.72 -9.65 15.94
N HIS A 50 -4.65 -10.61 15.02
CA HIS A 50 -4.13 -11.94 15.32
C HIS A 50 -2.85 -12.18 14.52
N ALA A 51 -2.07 -13.16 14.95
CA ALA A 51 -0.85 -13.54 14.23
C ALA A 51 -1.19 -13.93 12.79
N GLY A 52 -0.58 -13.25 11.83
CA GLY A 52 -0.94 -13.42 10.43
C GLY A 52 -1.85 -12.31 9.96
N ASP A 53 -1.89 -11.24 10.75
CA ASP A 53 -2.66 -10.04 10.44
C ASP A 53 -2.34 -9.54 9.04
N VAL A 54 -3.32 -9.63 8.14
CA VAL A 54 -3.13 -9.23 6.76
C VAL A 54 -2.80 -7.74 6.68
N PHE A 55 -3.48 -6.91 7.46
CA PHE A 55 -3.22 -5.47 7.38
C PHE A 55 -1.83 -5.10 7.91
N ALA A 56 -1.45 -5.71 9.02
CA ALA A 56 -0.14 -5.46 9.61
C ALA A 56 0.98 -5.85 8.63
N THR A 57 0.83 -7.01 8.00
CA THR A 57 1.81 -7.49 7.05
C THR A 57 1.88 -6.57 5.84
N ALA A 58 0.72 -6.15 5.34
CA ALA A 58 0.71 -5.31 4.16
C ALA A 58 1.30 -3.92 4.45
N ARG A 59 1.12 -3.42 5.66
CA ARG A 59 1.67 -2.11 6.03
C ARG A 59 3.20 -2.18 6.04
N ILE A 60 3.75 -3.22 6.65
CA ILE A 60 5.20 -3.39 6.68
C ILE A 60 5.77 -3.58 5.28
N ALA A 61 5.08 -4.37 4.44
CA ALA A 61 5.55 -4.57 3.07
C ALA A 61 5.62 -3.25 2.31
N GLY A 62 4.59 -2.42 2.48
CA GLY A 62 4.50 -1.16 1.77
C GLY A 62 5.58 -0.20 2.25
N ILE A 63 5.82 -0.17 3.55
CA ILE A 63 6.86 0.69 4.11
C ILE A 63 8.24 0.29 3.57
N GLN A 64 8.52 -1.00 3.57
CA GLN A 64 9.77 -1.49 3.06
C GLN A 64 9.94 -1.21 1.57
N ALA A 65 8.86 -1.34 0.85
CA ALA A 65 8.89 -1.10 -0.59
C ALA A 65 9.15 0.35 -0.93
N ALA A 66 8.54 1.26 -0.19
CA ALA A 66 8.79 2.70 -0.38
C ALA A 66 10.29 3.01 -0.28
N LYS A 67 10.96 2.40 0.69
CA LYS A 67 12.38 2.68 0.90
C LYS A 67 13.26 2.09 -0.20
N ARG A 68 12.71 1.17 -0.97
CA ARG A 68 13.43 0.47 -2.04
C ARG A 68 13.04 0.99 -3.42
N THR A 69 12.22 2.04 -3.46
CA THR A 69 11.65 2.48 -4.74
C THR A 69 12.74 2.77 -5.75
N TRP A 70 13.83 3.38 -5.30
CA TRP A 70 14.94 3.72 -6.18
C TRP A 70 15.54 2.47 -6.82
N ASP A 71 15.40 1.34 -6.14
CA ASP A 71 16.01 0.11 -6.64
C ASP A 71 15.06 -0.70 -7.51
N LEU A 72 13.78 -0.35 -7.48
CA LEU A 72 12.76 -1.05 -8.26
C LEU A 72 12.44 -0.32 -9.58
N ILE A 73 12.42 1.01 -9.50
CA ILE A 73 12.11 1.85 -10.65
C ILE A 73 13.40 2.45 -11.21
N PRO A 74 13.80 2.04 -12.42
CA PRO A 74 15.16 2.24 -12.92
C PRO A 74 15.66 3.68 -12.87
N LEU A 75 14.79 4.64 -13.18
CA LEU A 75 15.23 6.02 -13.29
C LEU A 75 15.01 6.83 -12.00
N CYS A 76 14.43 6.22 -10.98
CA CYS A 76 14.23 6.93 -9.72
C CYS A 76 15.53 7.16 -8.99
N HIS A 77 15.62 8.26 -8.26
CA HIS A 77 16.82 8.59 -7.50
C HIS A 77 16.79 7.99 -6.11
N PRO A 78 17.96 7.60 -5.57
CA PRO A 78 17.98 7.24 -4.15
C PRO A 78 17.67 8.47 -3.30
N LEU A 79 16.84 8.31 -2.28
CA LEU A 79 16.44 9.42 -1.44
C LEU A 79 16.46 8.99 0.01
N MET A 80 16.46 9.94 0.93
CA MET A 80 16.35 9.58 2.33
C MET A 80 14.96 9.91 2.84
N LEU A 81 14.06 8.93 2.72
CA LEU A 81 12.71 9.08 3.25
C LEU A 81 12.75 9.25 4.77
N SER A 82 12.22 10.36 5.25
CA SER A 82 12.13 10.55 6.68
C SER A 82 10.80 10.02 7.21
N LYS A 83 9.85 9.78 6.32
CA LYS A 83 8.55 9.31 6.76
C LYS A 83 7.79 8.54 5.68
N VAL A 84 7.27 7.39 6.07
CA VAL A 84 6.38 6.59 5.24
C VAL A 84 5.27 6.05 6.12
N GLU A 85 4.02 6.28 5.70
CA GLU A 85 2.86 5.76 6.43
C GLU A 85 2.00 4.98 5.47
N VAL A 86 1.47 3.87 5.93
CA VAL A 86 0.58 3.06 5.12
C VAL A 86 -0.63 2.74 5.97
N ASN A 87 -1.81 3.16 5.53
CA ASN A 87 -3.01 2.85 6.31
C ASN A 87 -4.03 2.07 5.49
N LEU A 88 -4.65 1.09 6.13
CA LEU A 88 -5.55 0.17 5.43
C LEU A 88 -6.90 0.15 6.10
N GLN A 89 -7.97 0.14 5.31
CA GLN A 89 -9.32 0.06 5.87
C GLN A 89 -10.18 -0.86 5.05
N ALA A 90 -10.92 -1.73 5.72
CA ALA A 90 -11.91 -2.55 5.06
C ALA A 90 -13.09 -1.67 4.65
N GLU A 91 -13.59 -1.89 3.44
CA GLU A 91 -14.82 -1.22 3.02
C GLU A 91 -15.87 -2.26 2.64
N PRO A 92 -16.56 -2.79 3.63
CA PRO A 92 -17.45 -3.90 3.44
C PRO A 92 -18.54 -3.51 2.51
N GLU A 93 -18.92 -2.25 2.52
CA GLU A 93 -19.96 -1.76 1.66
C GLU A 93 -19.60 -1.82 0.19
N HIS A 94 -18.32 -1.81 -0.12
CA HIS A 94 -17.88 -1.94 -1.50
C HIS A 94 -17.12 -3.19 -1.84
N ASN A 95 -17.08 -4.14 -0.93
CA ASN A 95 -16.31 -5.38 -1.07
C ASN A 95 -14.87 -5.13 -1.44
N ARG A 96 -14.21 -4.26 -0.69
CA ARG A 96 -12.83 -3.94 -1.01
C ARG A 96 -12.05 -3.43 0.18
N VAL A 97 -10.72 -3.46 0.02
CA VAL A 97 -9.81 -2.84 0.96
C VAL A 97 -9.32 -1.54 0.35
N ARG A 98 -9.31 -0.45 1.12
CA ARG A 98 -8.63 0.77 0.65
C ARG A 98 -7.30 0.97 1.37
N ILE A 99 -6.27 1.30 0.59
CA ILE A 99 -4.93 1.57 1.10
C ILE A 99 -4.63 3.05 0.83
N GLU A 100 -4.22 3.79 1.85
CA GLU A 100 -3.74 5.15 1.63
C GLU A 100 -2.30 5.27 2.15
N THR A 101 -1.43 5.90 1.38
CA THR A 101 -0.06 6.08 1.80
C THR A 101 0.35 7.53 1.87
N LEU A 102 1.38 7.78 2.66
CA LEU A 102 1.98 9.09 2.81
C LEU A 102 3.48 8.93 2.83
N CYS A 103 4.17 9.72 2.05
CA CYS A 103 5.61 9.78 2.05
C CYS A 103 6.08 11.22 2.16
N ARG A 104 7.10 11.43 2.97
CA ARG A 104 7.65 12.74 3.17
C ARG A 104 9.14 12.73 3.29
N LEU A 105 9.77 13.80 2.83
CA LEU A 105 11.17 14.03 3.13
C LEU A 105 11.51 15.50 2.99
N THR A 106 12.69 15.89 3.48
CA THR A 106 13.22 17.20 3.20
C THR A 106 14.36 17.02 2.20
N GLY A 107 14.18 17.56 1.00
CA GLY A 107 15.14 17.36 -0.07
C GLY A 107 14.77 18.08 -1.35
N LYS A 108 15.40 17.70 -2.46
CA LYS A 108 15.19 18.39 -3.74
C LYS A 108 14.36 17.56 -4.71
N THR A 109 14.17 16.29 -4.39
CA THR A 109 13.43 15.37 -5.25
C THR A 109 12.13 14.93 -4.57
N GLY A 110 11.04 14.90 -5.32
CA GLY A 110 9.74 14.50 -4.80
C GLY A 110 9.61 13.01 -4.53
N VAL A 111 8.49 12.62 -3.94
CA VAL A 111 8.32 11.27 -3.45
C VAL A 111 7.04 10.63 -3.95
N GLU A 112 6.57 11.07 -5.12
CA GLU A 112 5.38 10.46 -5.72
C GLU A 112 5.55 8.99 -5.96
N MET A 113 6.70 8.58 -6.48
CA MET A 113 6.86 7.16 -6.81
C MET A 113 6.96 6.31 -5.53
N GLU A 114 7.52 6.87 -4.48
CA GLU A 114 7.57 6.15 -3.21
C GLU A 114 6.16 5.90 -2.68
N ALA A 115 5.30 6.90 -2.78
CA ALA A 115 3.92 6.75 -2.29
C ALA A 115 3.16 5.71 -3.14
N LEU A 116 3.33 5.75 -4.45
CA LEU A 116 2.63 4.81 -5.33
C LEU A 116 3.14 3.38 -5.16
N THR A 117 4.44 3.26 -4.96
CA THR A 117 5.07 1.96 -4.82
C THR A 117 4.65 1.34 -3.48
N ALA A 118 4.62 2.16 -2.44
CA ALA A 118 4.17 1.66 -1.14
C ALA A 118 2.71 1.18 -1.24
N ALA A 119 1.86 1.95 -1.93
CA ALA A 119 0.47 1.55 -2.09
C ALA A 119 0.35 0.26 -2.92
N SER A 120 1.15 0.17 -3.97
CA SER A 120 1.09 -1.01 -4.86
C SER A 120 1.54 -2.29 -4.19
N VAL A 121 2.62 -2.22 -3.42
CA VAL A 121 3.15 -3.42 -2.80
C VAL A 121 2.28 -3.82 -1.61
N ALA A 122 1.70 -2.83 -0.94
CA ALA A 122 0.71 -3.16 0.08
C ALA A 122 -0.46 -3.93 -0.54
N ALA A 123 -0.92 -3.47 -1.70
CA ALA A 123 -2.00 -4.14 -2.43
C ALA A 123 -1.63 -5.56 -2.86
N LEU A 124 -0.41 -5.73 -3.35
CA LEU A 124 0.07 -7.07 -3.74
C LEU A 124 0.18 -7.99 -2.54
N THR A 125 0.51 -7.44 -1.38
CA THR A 125 0.63 -8.27 -0.18
C THR A 125 -0.76 -8.72 0.31
N ILE A 126 -1.75 -7.83 0.23
CA ILE A 126 -3.13 -8.23 0.51
C ILE A 126 -3.53 -9.36 -0.44
N TYR A 127 -3.23 -9.16 -1.73
CA TYR A 127 -3.52 -10.17 -2.75
C TYR A 127 -2.88 -11.51 -2.39
N ASP A 128 -1.59 -11.48 -2.07
CA ASP A 128 -0.86 -12.70 -1.73
C ASP A 128 -1.50 -13.45 -0.58
N MET A 129 -1.95 -12.70 0.41
CA MET A 129 -2.45 -13.35 1.61
C MET A 129 -3.88 -13.83 1.46
N CYS A 130 -4.52 -13.44 0.36
CA CYS A 130 -5.90 -13.86 0.10
C CYS A 130 -6.09 -14.79 -1.10
N LYS A 131 -5.06 -15.01 -1.91
CA LYS A 131 -5.25 -15.64 -3.21
C LYS A 131 -5.61 -17.15 -3.17
N ALA A 132 -5.37 -17.81 -2.05
CA ALA A 132 -5.81 -19.20 -1.93
C ALA A 132 -7.34 -19.25 -1.92
N VAL A 133 -7.93 -18.19 -1.40
CA VAL A 133 -9.36 -18.14 -1.15
C VAL A 133 -10.08 -17.64 -2.40
N GLN A 134 -9.38 -16.82 -3.18
CA GLN A 134 -10.00 -16.16 -4.34
C GLN A 134 -9.04 -15.95 -5.50
N LYS A 135 -9.45 -16.42 -6.68
CA LYS A 135 -8.59 -16.39 -7.85
C LYS A 135 -8.73 -15.12 -8.69
N ASP A 136 -9.78 -14.35 -8.45
CA ASP A 136 -10.12 -13.25 -9.36
C ASP A 136 -10.23 -11.89 -8.67
N MET A 137 -9.43 -11.67 -7.63
CA MET A 137 -9.31 -10.34 -7.05
C MET A 137 -8.74 -9.36 -8.06
N VAL A 138 -9.04 -8.09 -7.88
CA VAL A 138 -8.56 -7.07 -8.81
C VAL A 138 -7.94 -5.94 -8.01
N ILE A 139 -6.73 -5.54 -8.39
CA ILE A 139 -6.09 -4.38 -7.78
C ILE A 139 -6.35 -3.15 -8.67
N GLY A 140 -6.77 -2.06 -8.03
CA GLY A 140 -7.03 -0.83 -8.75
C GLY A 140 -8.30 -0.13 -8.30
N PRO A 141 -8.35 1.19 -8.47
CA PRO A 141 -7.27 2.01 -9.05
C PRO A 141 -6.11 2.23 -8.11
N VAL A 142 -4.96 2.56 -8.70
CA VAL A 142 -3.80 3.00 -7.95
C VAL A 142 -3.44 4.35 -8.53
N ARG A 143 -3.44 5.37 -7.68
CA ARG A 143 -3.27 6.73 -8.15
C ARG A 143 -2.84 7.66 -7.03
N LEU A 144 -2.31 8.82 -7.43
CA LEU A 144 -1.96 9.86 -6.46
C LEU A 144 -3.19 10.56 -5.92
N LEU A 145 -3.11 10.99 -4.66
CA LEU A 145 -4.13 11.88 -4.12
C LEU A 145 -3.70 13.35 -4.20
N ALA A 146 -4.66 14.22 -4.44
CA ALA A 146 -4.44 15.66 -4.46
C ALA A 146 -4.35 16.21 -3.04
C1 EDO B . -6.94 4.12 4.31
O1 EDO B . -7.05 4.64 5.64
C2 EDO B . -8.27 3.58 3.80
O2 EDO B . -9.28 4.58 3.83
C1 EDO C . -2.53 15.18 -7.94
O1 EDO C . -1.47 14.46 -8.58
C2 EDO C . -3.79 14.34 -7.92
O2 EDO C . -4.15 13.98 -9.27
C1 EDO D . -7.10 -14.40 5.19
O1 EDO D . -6.29 -15.37 5.85
C2 EDO D . -7.53 -14.95 3.83
O2 EDO D . -8.54 -14.07 3.27
C1 EDO E . 18.61 7.77 -11.56
O1 EDO E . 18.39 8.24 -12.90
C2 EDO E . 19.92 8.33 -11.02
O2 EDO E . 19.93 8.27 -9.60
C1 EDO F . -12.55 4.26 -6.69
O1 EDO F . -12.91 2.88 -6.84
C2 EDO F . -13.30 4.86 -5.51
O2 EDO F . -14.71 4.64 -5.67
C1 EDO G . -9.51 -1.53 -11.26
O1 EDO G . -10.90 -1.56 -11.58
C2 EDO G . -8.89 -0.21 -11.68
O2 EDO G . -9.35 0.15 -12.99
C1 EDO H . -1.08 -16.20 6.78
O1 EDO H . -2.16 -17.14 6.71
C2 EDO H . -0.52 -16.18 8.20
O2 EDO H . 0.55 -15.23 8.29
C2 2X3 I . 12.36 9.02 -6.63
C4 2X3 I . 12.32 10.43 -8.45
C5 2X3 I . 11.01 10.67 -8.33
C6 2X3 I . 10.32 10.10 -7.33
C8 2X3 I . 11.79 11.94 -10.10
O6 2X3 I . 9.11 10.31 -7.17
OBD 2X3 I . 15.60 16.58 -15.81
PBC 2X3 I . 16.77 16.00 -16.49
OBE 2X3 I . 17.42 16.77 -17.57
OBF 2X3 I . 16.92 14.53 -16.49
OAZ 2X3 I . 17.86 16.30 -15.33
PAY 2X3 I . 17.53 16.18 -13.76
OBA 2X3 I . 16.90 17.44 -13.32
OBB 2X3 I . 18.73 15.66 -13.07
OAV 2X3 I . 16.41 14.99 -13.74
PAU 2X3 I . 15.23 14.97 -12.62
OAW 2X3 I . 14.51 16.26 -12.66
OAX 2X3 I . 15.80 14.49 -11.35
OAT 2X3 I . 14.24 13.84 -13.21
CAR 2X3 I . 13.04 13.48 -12.51
CAP 2X3 I . 13.08 11.96 -12.29
OAO 2X3 I . 14.17 11.63 -11.42
CAN 2X3 I . 13.66 10.55 -10.62
N9 2X3 I . 12.77 11.00 -9.56
N3 2X3 I . 12.99 9.60 -7.66
N2 2X3 I . 13.05 8.23 -5.81
N1 2X3 I . 10.99 9.27 -6.43
N7 2X3 I . 10.61 11.49 -9.32
CAL 2X3 I . 11.88 11.38 -11.55
OAS 2X3 I . 10.64 11.47 -12.31
CAM 2X3 I . 12.43 10.00 -11.38
OAQ 2X3 I . 12.76 9.42 -12.63
#